data_4JSD
#
_entry.id   4JSD
#
_cell.length_a   56.641
_cell.length_b   89.596
_cell.length_c   108.245
_cell.angle_alpha   90.00
_cell.angle_beta   90.00
_cell.angle_gamma   90.00
#
_symmetry.space_group_name_H-M   'P 21 21 21'
#
loop_
_entity.id
_entity.type
_entity.pdbx_description
1 polymer 'Oligopeptide ABC transporter, periplasmic oligopeptide-binding protein'
2 branched beta-D-glucopyranose-(1-3)-beta-D-glucopyranose
3 non-polymer 'CALCIUM ION'
4 water water
#
_entity_poly.entity_id   1
_entity_poly.type   'polypeptide(L)'
_entity_poly.pdbx_seq_one_letter_code
;SLPREDTVYIGGALWGPATTWNLYAPQSTWGTDQFMYLPAFQYDLGRDAWIPVIAERYEFVDDKTLRIYIRPEARWSDGV
PITADDFVYALELTKELGIGPGGGWDTYIEYVKAVDTKVVEFKAKEENLNYFQFLSYSLGAQPMPKHVYERIRAQMNIKD
WINDKPEEQVVSGPYKLYYYDPNIVVYQRVDDWWGKDIFGLPRPKYLAHVIYKDNPSASLAFERGDIDWNGLFIPSVWEL
WEKKGLPVGTWYKKEPYFIPDGVGFVYVNNTKPGLSDPAVRKAIAYAIPYNEMLKKAYFGYGSQAHPSMVIDLFEPYKQY
IDYELAKKTFGTEDGRIPFDLDMANKILDEAGYKKGPDGVRVGPDGTKLGPYTISVPYGWTDWMMMCEMIAKNLRSIGID
VKTEFPDFSVWADRMTKGTFDLIISWSVGPSFDHPFNIYRFVLDKRLSKPVGEVTWAGDWERYDNDEVVELLDKAVSTLD
PEVRKQAYFRIQQIIYRDMPSIPAFYTAHWYEYSTKYWINWPSEDNPAWFRPSPWHADAWPTLFIISKKSDPQPVPSWLG
TVDEGGIEIPTAKIFEDLQKAT
;
_entity_poly.pdbx_strand_id   A
#
loop_
_chem_comp.id
_chem_comp.type
_chem_comp.name
_chem_comp.formula
BGC D-saccharide, beta linking beta-D-glucopyranose 'C6 H12 O6'
CA non-polymer 'CALCIUM ION' 'Ca 2'
#
# COMPACT_ATOMS: atom_id res chain seq x y z
N SER A 1 18.97 8.39 -25.69
CA SER A 1 19.27 9.75 -25.25
C SER A 1 19.68 9.86 -23.78
N LEU A 2 19.02 9.12 -22.90
CA LEU A 2 19.36 9.19 -21.47
C LEU A 2 20.73 8.58 -21.22
N PRO A 3 21.53 9.19 -20.33
CA PRO A 3 22.84 8.65 -20.00
C PRO A 3 22.71 7.33 -19.25
N ARG A 4 23.01 6.23 -19.94
CA ARG A 4 22.73 4.89 -19.44
C ARG A 4 23.23 4.63 -18.02
N GLU A 5 24.50 4.93 -17.74
CA GLU A 5 25.08 4.60 -16.45
C GLU A 5 24.66 5.57 -15.33
N ASP A 6 23.96 6.64 -15.70
CA ASP A 6 23.47 7.58 -14.70
C ASP A 6 21.95 7.48 -14.56
N THR A 7 21.39 6.39 -15.08
CA THR A 7 19.95 6.19 -15.15
C THR A 7 19.56 4.83 -14.56
N VAL A 8 18.51 4.80 -13.73
CA VAL A 8 17.96 3.54 -13.25
C VAL A 8 16.71 3.22 -14.05
N TYR A 9 16.76 2.15 -14.82
CA TYR A 9 15.57 1.70 -15.54
C TYR A 9 14.73 0.78 -14.65
N ILE A 10 13.43 0.99 -14.68
CA ILE A 10 12.52 0.40 -13.72
C ILE A 10 11.43 -0.39 -14.45
N GLY A 11 10.91 -1.44 -13.81
CA GLY A 11 9.79 -2.18 -14.35
C GLY A 11 8.80 -2.56 -13.26
N GLY A 12 7.58 -2.92 -13.65
CA GLY A 12 6.60 -3.47 -12.70
C GLY A 12 5.91 -2.47 -11.80
N ALA A 13 6.17 -1.19 -12.01
CA ALA A 13 5.65 -0.12 -11.15
C ALA A 13 4.59 0.72 -11.85
N LEU A 14 4.82 1.02 -13.13
CA LEU A 14 3.89 1.81 -13.91
C LEU A 14 3.25 0.90 -14.94
N TRP A 15 1.94 0.71 -14.80
CA TRP A 15 1.11 -0.08 -15.71
C TRP A 15 0.02 0.82 -16.30
N GLY A 16 -0.27 0.66 -17.59
CA GLY A 16 -1.15 1.59 -18.28
C GLY A 16 -0.43 2.92 -18.46
N PRO A 17 -1.13 3.92 -19.04
CA PRO A 17 -0.47 5.20 -19.32
C PRO A 17 -0.28 6.07 -18.09
N ALA A 18 0.62 7.05 -18.20
CA ALA A 18 0.75 8.08 -17.18
C ALA A 18 -0.54 8.86 -17.13
N THR A 19 -0.89 9.38 -15.95
CA THR A 19 -2.11 10.16 -15.83
C THR A 19 -1.81 11.59 -15.46
N THR A 20 -1.63 11.82 -14.16
CA THR A 20 -1.31 13.13 -13.63
C THR A 20 -0.15 12.98 -12.68
N TRP A 21 0.33 14.10 -12.17
CA TRP A 21 1.30 14.11 -11.08
C TRP A 21 0.66 14.90 -9.92
N ASN A 22 -0.60 14.54 -9.64
CA ASN A 22 -1.47 15.29 -8.76
C ASN A 22 -2.20 14.31 -7.85
N LEU A 23 -1.75 14.23 -6.60
CA LEU A 23 -2.33 13.31 -5.63
C LEU A 23 -3.78 13.66 -5.27
N TYR A 24 -4.28 14.78 -5.80
CA TYR A 24 -5.68 15.17 -5.62
C TYR A 24 -6.54 14.85 -6.84
N ALA A 25 -5.93 14.32 -7.89
CA ALA A 25 -6.66 13.87 -9.07
C ALA A 25 -7.18 12.45 -8.80
N PRO A 26 -8.19 12.00 -9.58
CA PRO A 26 -8.73 10.65 -9.41
C PRO A 26 -7.69 9.54 -9.60
N GLN A 27 -6.76 9.76 -10.52
CA GLN A 27 -5.60 8.89 -10.66
C GLN A 27 -4.35 9.76 -10.85
N SER A 28 -3.22 9.29 -10.33
CA SER A 28 -1.94 9.93 -10.52
C SER A 28 -0.89 8.88 -10.90
N THR A 29 0.27 9.33 -11.35
CA THR A 29 1.27 8.46 -11.96
C THR A 29 2.30 7.94 -10.97
N TRP A 30 2.69 6.67 -11.13
CA TRP A 30 3.76 6.09 -10.31
C TRP A 30 4.99 7.01 -10.26
N GLY A 31 5.48 7.26 -9.06
CA GLY A 31 6.62 8.14 -8.84
C GLY A 31 6.24 9.43 -8.14
N THR A 32 4.96 9.81 -8.28
CA THR A 32 4.48 11.07 -7.74
C THR A 32 4.59 11.08 -6.21
N ASP A 33 3.91 10.13 -5.57
CA ASP A 33 3.96 10.07 -4.12
C ASP A 33 5.32 9.52 -3.69
N GLN A 34 5.86 8.56 -4.43
CA GLN A 34 7.09 7.90 -4.01
C GLN A 34 8.29 8.86 -3.92
N PHE A 35 8.47 9.67 -4.96
CA PHE A 35 9.72 10.44 -5.10
C PHE A 35 9.52 11.97 -5.12
N MET A 36 8.33 12.44 -5.49
CA MET A 36 8.12 13.89 -5.61
C MET A 36 7.72 14.55 -4.29
N TYR A 37 7.00 13.82 -3.46
CA TYR A 37 6.51 14.38 -2.22
C TYR A 37 6.87 13.52 -1.03
N LEU A 38 7.63 14.12 -0.09
CA LEU A 38 8.15 13.40 1.07
C LEU A 38 7.39 13.74 2.35
N PRO A 39 7.55 12.90 3.38
CA PRO A 39 6.82 13.21 4.61
C PRO A 39 7.68 13.94 5.66
N ALA A 40 7.02 14.42 6.71
CA ALA A 40 7.70 14.95 7.88
C ALA A 40 8.70 13.93 8.42
N PHE A 41 8.22 12.70 8.66
CA PHE A 41 9.06 11.56 9.04
C PHE A 41 8.72 10.34 8.18
N GLN A 42 9.76 9.59 7.82
CA GLN A 42 9.63 8.36 7.08
C GLN A 42 9.67 7.16 8.01
N TYR A 43 8.57 6.41 8.13
CA TYR A 43 8.59 5.14 8.87
C TYR A 43 9.53 4.15 8.20
N ASP A 44 10.33 3.49 9.02
CA ASP A 44 11.29 2.50 8.58
C ASP A 44 10.87 1.18 9.18
N LEU A 45 10.15 0.40 8.40
CA LEU A 45 9.66 -0.89 8.86
C LEU A 45 10.80 -1.82 9.26
N GLY A 46 11.88 -1.80 8.49
CA GLY A 46 13.03 -2.66 8.75
C GLY A 46 13.61 -2.55 10.14
N ARG A 47 13.68 -1.32 10.65
CA ARG A 47 14.28 -1.09 11.95
C ARG A 47 13.24 -0.73 13.03
N ASP A 48 11.97 -0.69 12.65
CA ASP A 48 10.91 -0.09 13.47
C ASP A 48 11.35 1.27 14.02
N ALA A 49 11.70 2.17 13.11
CA ALA A 49 12.14 3.51 13.50
C ALA A 49 11.67 4.57 12.50
N TRP A 50 11.97 5.83 12.80
CA TRP A 50 11.48 6.93 11.97
C TRP A 50 12.60 7.87 11.58
N ILE A 51 12.79 8.05 10.27
CA ILE A 51 13.78 9.00 9.76
C ILE A 51 13.16 10.39 9.81
N PRO A 52 13.78 11.31 10.56
CA PRO A 52 13.29 12.69 10.43
C PRO A 52 13.66 13.22 9.05
N VAL A 53 12.67 13.42 8.19
CA VAL A 53 12.95 13.84 6.81
C VAL A 53 12.71 15.33 6.64
N ILE A 54 11.47 15.75 6.39
CA ILE A 54 11.18 17.17 6.31
C ILE A 54 11.22 17.80 7.72
N ALA A 55 10.90 17.00 8.72
CA ALA A 55 11.00 17.48 10.10
C ALA A 55 12.33 17.06 10.71
N GLU A 56 12.87 17.87 11.62
CA GLU A 56 14.07 17.46 12.35
C GLU A 56 13.76 16.79 13.69
N ARG A 57 12.57 17.06 14.25
CA ARG A 57 12.20 16.50 15.54
C ARG A 57 10.77 16.83 15.94
N TYR A 58 10.30 16.17 17.00
CA TYR A 58 8.95 16.36 17.52
C TYR A 58 9.03 16.72 19.01
N GLU A 59 7.94 17.23 19.56
CA GLU A 59 7.80 17.34 21.00
C GLU A 59 6.36 17.11 21.36
N PHE A 60 6.14 16.28 22.37
CA PHE A 60 4.82 16.16 22.95
C PHE A 60 4.64 17.32 23.94
N VAL A 61 3.71 18.21 23.61
CA VAL A 61 3.34 19.25 24.57
C VAL A 61 2.60 18.54 25.71
N ASP A 62 1.59 17.75 25.36
CA ASP A 62 1.07 16.70 26.23
C ASP A 62 0.81 15.46 25.38
N ASP A 63 0.13 14.45 25.93
CA ASP A 63 -0.04 13.19 25.21
C ASP A 63 -1.03 13.29 24.04
N LYS A 64 -1.70 14.44 23.92
CA LYS A 64 -2.70 14.61 22.87
C LYS A 64 -2.37 15.74 21.92
N THR A 65 -1.18 16.31 22.11
CA THR A 65 -0.79 17.51 21.39
C THR A 65 0.69 17.40 21.05
N LEU A 66 0.96 17.28 19.75
CA LEU A 66 2.31 17.00 19.26
C LEU A 66 2.76 18.15 18.37
N ARG A 67 3.96 18.64 18.59
CA ARG A 67 4.49 19.63 17.69
C ARG A 67 5.60 19.03 16.86
N ILE A 68 5.61 19.39 15.59
CA ILE A 68 6.61 18.91 14.68
C ILE A 68 7.35 20.11 14.12
N TYR A 69 8.68 20.04 14.22
CA TYR A 69 9.56 21.13 13.84
C TYR A 69 10.19 20.82 12.49
N ILE A 70 9.96 21.69 11.53
CA ILE A 70 10.47 21.53 10.18
C ILE A 70 11.92 21.96 10.11
N ARG A 71 12.77 21.15 9.49
CA ARG A 71 14.16 21.55 9.25
C ARG A 71 14.16 22.91 8.56
N PRO A 72 15.04 23.80 9.02
CA PRO A 72 15.20 25.13 8.41
C PRO A 72 15.58 25.00 6.94
N GLU A 73 16.40 24.01 6.61
CA GLU A 73 16.83 23.76 5.23
C GLU A 73 15.72 23.27 4.32
N ALA A 74 14.61 22.82 4.89
CA ALA A 74 13.57 22.16 4.09
C ALA A 74 12.91 23.19 3.18
N ARG A 75 12.94 22.91 1.88
CA ARG A 75 12.68 23.94 0.88
C ARG A 75 12.19 23.31 -0.42
N TRP A 76 11.10 23.84 -0.97
CA TRP A 76 10.55 23.33 -2.22
C TRP A 76 11.57 23.52 -3.33
N SER A 77 11.37 22.79 -4.42
CA SER A 77 12.36 22.80 -5.50
C SER A 77 12.45 24.15 -6.21
N ASP A 78 11.49 25.04 -5.94
CA ASP A 78 11.50 26.39 -6.53
C ASP A 78 12.19 27.40 -5.61
N GLY A 79 12.63 26.92 -4.46
CA GLY A 79 13.38 27.75 -3.53
C GLY A 79 12.52 28.30 -2.41
N VAL A 80 11.22 28.00 -2.44
CA VAL A 80 10.35 28.46 -1.36
C VAL A 80 10.45 27.53 -0.17
N PRO A 81 10.68 28.09 1.03
CA PRO A 81 10.75 27.26 2.23
C PRO A 81 9.49 26.44 2.42
N ILE A 82 9.66 25.19 2.84
CA ILE A 82 8.56 24.38 3.28
C ILE A 82 8.22 24.85 4.68
N THR A 83 6.96 25.18 4.90
CA THR A 83 6.56 25.80 6.16
C THR A 83 5.33 25.12 6.70
N ALA A 84 4.94 25.49 7.92
CA ALA A 84 3.85 24.81 8.59
C ALA A 84 2.54 24.97 7.83
N ASP A 85 2.33 26.15 7.26
CA ASP A 85 1.18 26.41 6.36
C ASP A 85 1.02 25.38 5.25
N ASP A 86 2.14 24.84 4.76
CA ASP A 86 2.12 23.80 3.71
C ASP A 86 1.53 22.52 4.26
N PHE A 87 1.81 22.27 5.53
CA PHE A 87 1.28 21.08 6.18
C PHE A 87 -0.21 21.21 6.41
N VAL A 88 -0.62 22.35 6.98
CA VAL A 88 -2.03 22.60 7.23
C VAL A 88 -2.79 22.53 5.92
N TYR A 89 -2.23 23.16 4.90
CA TYR A 89 -2.87 23.28 3.60
C TYR A 89 -3.16 21.93 2.97
N ALA A 90 -2.15 21.07 2.95
CA ALA A 90 -2.28 19.75 2.35
C ALA A 90 -3.44 18.95 2.94
N LEU A 91 -3.52 18.91 4.26
CA LEU A 91 -4.58 18.17 4.95
C LEU A 91 -5.96 18.79 4.78
N GLU A 92 -6.06 20.11 4.94
CA GLU A 92 -7.33 20.80 4.71
C GLU A 92 -7.83 20.59 3.28
N LEU A 93 -6.93 20.57 2.31
CA LEU A 93 -7.34 20.33 0.92
C LEU A 93 -7.93 18.93 0.81
N THR A 94 -7.31 17.96 1.48
CA THR A 94 -7.82 16.60 1.42
C THR A 94 -9.23 16.49 2.01
N LYS A 95 -9.48 17.18 3.12
CA LYS A 95 -10.81 17.15 3.72
C LYS A 95 -11.86 17.76 2.80
N GLU A 96 -11.50 18.86 2.13
CA GLU A 96 -12.41 19.60 1.27
C GLU A 96 -12.77 18.81 0.03
N LEU A 97 -11.75 18.21 -0.58
CA LEU A 97 -11.92 17.52 -1.86
C LEU A 97 -12.40 16.07 -1.74
N GLY A 98 -12.31 15.49 -0.55
CA GLY A 98 -12.72 14.11 -0.35
C GLY A 98 -11.75 13.12 -0.99
N ILE A 99 -10.49 13.54 -1.11
CA ILE A 99 -9.46 12.75 -1.77
C ILE A 99 -8.15 13.49 -1.56
N GLY A 100 -7.03 12.75 -1.54
CA GLY A 100 -5.74 13.39 -1.36
C GLY A 100 -4.93 12.70 -0.28
N PRO A 101 -3.68 13.15 -0.07
CA PRO A 101 -2.85 12.52 0.97
C PRO A 101 -3.43 12.72 2.36
N GLY A 102 -3.36 11.66 3.18
CA GLY A 102 -3.80 11.74 4.55
C GLY A 102 -5.30 11.67 4.71
N GLY A 103 -5.98 11.08 3.73
CA GLY A 103 -7.41 10.84 3.81
C GLY A 103 -7.81 10.30 5.18
N GLY A 104 -8.81 10.93 5.79
CA GLY A 104 -9.34 10.48 7.06
C GLY A 104 -8.71 11.10 8.31
N TRP A 105 -7.71 11.95 8.12
CA TRP A 105 -7.04 12.61 9.24
C TRP A 105 -8.04 13.26 10.20
N ASP A 106 -9.05 13.93 9.64
CA ASP A 106 -9.96 14.73 10.46
C ASP A 106 -10.88 13.88 11.35
N THR A 107 -10.89 12.58 11.12
CA THR A 107 -11.67 11.67 11.96
C THR A 107 -11.03 11.52 13.34
N TYR A 108 -9.70 11.54 13.36
CA TYR A 108 -8.92 11.30 14.57
C TYR A 108 -8.03 12.47 14.98
N ILE A 109 -7.90 13.47 14.12
CA ILE A 109 -7.13 14.67 14.46
C ILE A 109 -8.08 15.85 14.64
N GLU A 110 -7.99 16.51 15.79
CA GLU A 110 -8.89 17.63 16.05
C GLU A 110 -8.57 18.83 15.19
N TYR A 111 -7.31 19.24 15.19
CA TYR A 111 -6.88 20.28 14.27
C TYR A 111 -5.44 20.09 13.88
N VAL A 112 -5.09 20.66 12.73
CA VAL A 112 -3.69 20.87 12.39
C VAL A 112 -3.49 22.38 12.24
N LYS A 113 -2.48 22.91 12.93
CA LYS A 113 -2.32 24.36 13.03
C LYS A 113 -0.85 24.73 12.82
N ALA A 114 -0.61 25.85 12.13
CA ALA A 114 0.72 26.40 11.99
C ALA A 114 0.98 27.39 13.12
N VAL A 115 1.70 26.95 14.15
CA VAL A 115 1.94 27.79 15.33
C VAL A 115 3.13 28.73 15.12
N ASP A 116 3.93 28.44 14.09
CA ASP A 116 4.98 29.34 13.64
C ASP A 116 5.41 28.87 12.26
N THR A 117 6.36 29.58 11.67
CA THR A 117 6.76 29.33 10.29
C THR A 117 7.23 27.90 10.05
N LYS A 118 8.05 27.41 10.97
CA LYS A 118 8.58 26.06 10.90
C LYS A 118 8.02 25.18 12.02
N VAL A 119 6.84 25.48 12.54
CA VAL A 119 6.27 24.63 13.59
C VAL A 119 4.79 24.31 13.38
N VAL A 120 4.51 23.03 13.14
N VAL A 120 4.51 23.02 13.19
CA VAL A 120 3.12 22.59 13.04
CA VAL A 120 3.15 22.55 13.03
C VAL A 120 2.70 21.85 14.30
C VAL A 120 2.72 21.86 14.32
N GLU A 121 1.47 22.08 14.73
CA GLU A 121 0.93 21.42 15.88
C GLU A 121 -0.29 20.59 15.48
N PHE A 122 -0.28 19.33 15.92
CA PHE A 122 -1.36 18.39 15.67
C PHE A 122 -1.99 18.07 17.01
N LYS A 123 -3.32 18.01 17.04
CA LYS A 123 -4.03 17.75 18.29
C LYS A 123 -5.01 16.59 18.12
N ALA A 124 -4.88 15.57 18.97
CA ALA A 124 -5.74 14.39 18.88
C ALA A 124 -7.19 14.74 19.21
N LYS A 125 -8.12 14.19 18.44
CA LYS A 125 -9.52 14.29 18.79
C LYS A 125 -9.71 13.38 20.00
N GLU A 126 -10.39 13.87 21.02
N GLU A 126 -10.40 13.89 21.02
CA GLU A 126 -10.48 13.15 22.28
CA GLU A 126 -10.47 13.23 22.32
C GLU A 126 -11.68 12.22 22.33
C GLU A 126 -11.74 12.38 22.51
N GLU A 127 -12.74 12.62 21.67
CA GLU A 127 -14.00 11.88 21.70
C GLU A 127 -13.81 10.42 21.26
N ASN A 128 -13.04 10.24 20.19
CA ASN A 128 -12.67 8.92 19.73
C ASN A 128 -11.15 8.81 19.73
N LEU A 129 -10.56 9.08 20.89
CA LEU A 129 -9.10 9.07 21.04
C LEU A 129 -8.51 7.80 20.45
N ASN A 130 -7.55 7.97 19.56
CA ASN A 130 -6.83 6.87 18.95
C ASN A 130 -5.38 7.26 18.74
N TYR A 131 -4.51 6.89 19.69
CA TYR A 131 -3.10 7.29 19.64
C TYR A 131 -2.35 6.89 18.38
N PHE A 132 -2.63 5.69 17.86
CA PHE A 132 -1.99 5.21 16.63
C PHE A 132 -2.25 6.12 15.44
N GLN A 133 -3.51 6.46 15.21
CA GLN A 133 -3.87 7.32 14.09
C GLN A 133 -3.37 8.75 14.32
N PHE A 134 -3.37 9.17 15.58
CA PHE A 134 -2.85 10.49 15.97
C PHE A 134 -1.40 10.56 15.50
N LEU A 135 -0.63 9.53 15.85
CA LEU A 135 0.78 9.48 15.47
C LEU A 135 1.00 9.29 13.98
N SER A 136 0.16 8.48 13.34
CA SER A 136 0.30 8.16 11.92
C SER A 136 0.11 9.38 11.05
N TYR A 137 -1.00 10.08 11.27
CA TYR A 137 -1.33 11.26 10.49
C TYR A 137 -0.33 12.41 10.68
N SER A 138 0.16 12.58 11.91
N SER A 138 0.17 12.57 11.91
CA SER A 138 1.08 13.67 12.22
CA SER A 138 1.07 13.67 12.23
C SER A 138 2.50 13.41 11.73
C SER A 138 2.51 13.43 11.77
N LEU A 139 3.11 12.35 12.24
CA LEU A 139 4.49 12.02 11.89
C LEU A 139 4.68 11.83 10.39
N GLY A 140 3.72 11.20 9.73
CA GLY A 140 3.81 10.96 8.30
C GLY A 140 3.10 11.97 7.42
N ALA A 141 2.61 13.07 8.01
CA ALA A 141 2.00 14.14 7.21
C ALA A 141 2.91 14.56 6.06
N GLN A 142 2.34 14.66 4.86
CA GLN A 142 3.11 15.16 3.72
C GLN A 142 2.60 16.54 3.35
N PRO A 143 3.47 17.54 3.41
CA PRO A 143 3.00 18.88 3.03
C PRO A 143 2.84 18.97 1.52
N MET A 144 2.10 19.97 1.06
CA MET A 144 1.92 20.26 -0.35
C MET A 144 2.17 21.75 -0.51
N PRO A 145 2.79 22.14 -1.64
CA PRO A 145 3.19 23.54 -1.83
C PRO A 145 1.96 24.45 -2.01
N LYS A 146 1.52 25.06 -0.92
CA LYS A 146 0.33 25.90 -0.95
C LYS A 146 0.41 27.01 -2.01
N HIS A 147 1.58 27.60 -2.17
CA HIS A 147 1.72 28.72 -3.08
C HIS A 147 1.53 28.26 -4.52
N VAL A 148 1.78 26.98 -4.77
CA VAL A 148 1.52 26.37 -6.06
C VAL A 148 0.04 26.08 -6.24
N TYR A 149 -0.55 25.36 -5.29
CA TYR A 149 -1.91 24.86 -5.42
C TYR A 149 -2.98 25.93 -5.44
N GLU A 150 -2.70 27.04 -4.77
CA GLU A 150 -3.63 28.15 -4.73
C GLU A 150 -3.78 28.78 -6.10
N ARG A 151 -2.66 28.85 -6.82
CA ARG A 151 -2.68 29.46 -8.14
C ARG A 151 -3.39 28.57 -9.15
N ILE A 152 -3.24 27.25 -8.98
CA ILE A 152 -3.97 26.31 -9.81
C ILE A 152 -5.47 26.43 -9.58
N ARG A 153 -5.88 26.51 -8.32
CA ARG A 153 -7.30 26.63 -7.96
C ARG A 153 -7.96 27.92 -8.48
N ALA A 154 -7.16 28.96 -8.68
CA ALA A 154 -7.65 30.22 -9.25
C ALA A 154 -7.97 30.04 -10.73
N GLN A 155 -7.31 29.05 -11.34
CA GLN A 155 -7.28 28.91 -12.78
C GLN A 155 -8.14 27.75 -13.28
N MET A 156 -8.36 26.76 -12.43
CA MET A 156 -9.15 25.59 -12.79
C MET A 156 -9.57 24.81 -11.55
N ASN A 157 -10.33 23.75 -11.76
CA ASN A 157 -10.63 22.82 -10.68
C ASN A 157 -9.39 22.00 -10.40
N ILE A 158 -8.98 21.95 -9.14
CA ILE A 158 -7.81 21.20 -8.72
C ILE A 158 -7.83 19.76 -9.24
N LYS A 159 -8.97 19.11 -9.12
CA LYS A 159 -9.07 17.70 -9.48
C LYS A 159 -8.78 17.43 -10.96
N ASP A 160 -8.80 18.49 -11.77
CA ASP A 160 -8.55 18.36 -13.21
C ASP A 160 -7.12 18.72 -13.60
N TRP A 161 -6.36 19.25 -12.65
CA TRP A 161 -5.01 19.70 -12.95
C TRP A 161 -4.09 18.51 -13.15
N ILE A 162 -3.22 18.60 -14.15
CA ILE A 162 -2.38 17.47 -14.51
C ILE A 162 -1.02 17.49 -13.83
N ASN A 163 -0.46 18.68 -13.65
CA ASN A 163 0.88 18.88 -13.09
C ASN A 163 1.96 18.19 -13.94
N ASP A 164 1.85 18.33 -15.26
CA ASP A 164 2.73 17.59 -16.17
C ASP A 164 3.83 18.42 -16.84
N LYS A 165 3.99 19.67 -16.39
CA LYS A 165 5.03 20.56 -16.90
C LYS A 165 6.25 20.55 -16.00
N PRO A 166 7.33 19.92 -16.45
CA PRO A 166 8.56 19.70 -15.66
C PRO A 166 9.09 20.97 -15.01
N GLU A 167 9.24 22.03 -15.79
CA GLU A 167 9.79 23.32 -15.33
C GLU A 167 8.89 24.06 -14.35
N GLU A 168 7.64 23.61 -14.25
CA GLU A 168 6.71 24.22 -13.30
C GLU A 168 6.51 23.31 -12.09
N GLN A 169 6.89 22.03 -12.21
CA GLN A 169 6.72 21.09 -11.10
C GLN A 169 7.48 21.56 -9.86
N VAL A 170 6.80 21.59 -8.73
CA VAL A 170 7.38 22.04 -7.47
C VAL A 170 7.31 20.89 -6.46
N VAL A 171 8.47 20.37 -6.05
CA VAL A 171 8.53 19.15 -5.25
C VAL A 171 9.36 19.24 -3.96
N SER A 172 9.10 18.31 -3.04
CA SER A 172 9.84 18.23 -1.78
C SER A 172 10.87 17.12 -1.82
N GLY A 173 10.65 16.18 -2.73
CA GLY A 173 11.58 15.07 -2.92
C GLY A 173 12.70 15.47 -3.86
N PRO A 174 13.65 14.55 -4.05
CA PRO A 174 14.88 14.69 -4.83
C PRO A 174 14.73 14.43 -6.34
N TYR A 175 13.50 14.14 -6.78
CA TYR A 175 13.21 13.93 -8.20
C TYR A 175 11.97 14.68 -8.61
N LYS A 176 11.88 15.01 -9.90
CA LYS A 176 10.65 15.53 -10.45
C LYS A 176 10.58 15.08 -11.89
N LEU A 177 9.40 15.15 -12.48
CA LEU A 177 9.19 14.73 -13.86
C LEU A 177 10.15 15.43 -14.84
N TYR A 178 10.76 14.64 -15.72
CA TYR A 178 11.64 15.13 -16.78
C TYR A 178 10.99 15.06 -18.17
N TYR A 179 10.36 13.92 -18.47
CA TYR A 179 9.76 13.69 -19.78
C TYR A 179 8.82 12.52 -19.72
N TYR A 180 7.75 12.58 -20.51
CA TYR A 180 6.92 11.40 -20.72
C TYR A 180 6.13 11.44 -22.02
N ASP A 181 5.58 10.28 -22.35
CA ASP A 181 4.81 10.07 -23.56
C ASP A 181 4.16 8.68 -23.39
N PRO A 182 3.46 8.14 -24.42
CA PRO A 182 2.74 6.88 -24.19
C PRO A 182 3.61 5.66 -23.87
N ASN A 183 4.92 5.79 -24.04
CA ASN A 183 5.79 4.63 -23.90
C ASN A 183 6.80 4.70 -22.76
N ILE A 184 6.85 5.84 -22.07
CA ILE A 184 7.84 6.00 -21.01
C ILE A 184 7.47 7.11 -20.02
N VAL A 185 7.88 6.92 -18.77
CA VAL A 185 7.90 8.02 -17.82
C VAL A 185 9.31 8.18 -17.24
N VAL A 186 9.79 9.42 -17.22
CA VAL A 186 11.14 9.71 -16.75
C VAL A 186 11.19 10.85 -15.73
N TYR A 187 11.87 10.58 -14.61
CA TYR A 187 12.12 11.60 -13.59
C TYR A 187 13.60 11.98 -13.64
N GLN A 188 13.90 13.24 -13.35
CA GLN A 188 15.28 13.70 -13.25
C GLN A 188 15.55 14.16 -11.83
N ARG A 189 16.78 13.96 -11.36
CA ARG A 189 17.19 14.40 -10.03
C ARG A 189 17.20 15.92 -9.90
N VAL A 190 16.87 16.39 -8.71
CA VAL A 190 17.00 17.80 -8.37
C VAL A 190 18.36 17.98 -7.71
N ASP A 191 19.36 18.41 -8.48
CA ASP A 191 20.75 18.45 -7.97
C ASP A 191 20.94 19.37 -6.76
N ASP A 192 20.10 20.40 -6.64
CA ASP A 192 20.19 21.28 -5.48
C ASP A 192 19.08 20.99 -4.47
N TRP A 193 18.64 19.75 -4.45
CA TRP A 193 17.65 19.27 -3.49
C TRP A 193 18.02 19.72 -2.07
N TRP A 194 17.04 20.28 -1.35
CA TRP A 194 17.27 20.79 0.01
C TRP A 194 17.94 19.78 0.94
N GLY A 195 17.66 18.49 0.71
CA GLY A 195 18.10 17.45 1.62
C GLY A 195 19.51 16.99 1.33
N LYS A 196 20.16 17.66 0.36
CA LYS A 196 21.49 17.27 -0.09
C LYS A 196 22.55 17.18 1.02
N ASP A 197 22.63 18.17 1.90
CA ASP A 197 23.67 18.13 2.94
C ASP A 197 23.36 17.13 4.06
N ILE A 198 22.09 16.90 4.38
CA ILE A 198 21.74 15.93 5.41
C ILE A 198 21.80 14.49 4.94
N PHE A 199 21.28 14.25 3.74
CA PHE A 199 21.08 12.88 3.27
C PHE A 199 21.99 12.50 2.11
N GLY A 200 22.70 13.47 1.55
CA GLY A 200 23.41 13.25 0.31
C GLY A 200 22.49 13.41 -0.89
N LEU A 201 23.05 13.27 -2.08
CA LEU A 201 22.25 13.24 -3.31
C LEU A 201 22.01 11.77 -3.64
N PRO A 202 20.79 11.43 -4.10
CA PRO A 202 20.64 10.05 -4.57
C PRO A 202 21.51 9.92 -5.81
N ARG A 203 22.09 8.75 -6.02
CA ARG A 203 23.11 8.58 -7.06
C ARG A 203 22.60 8.58 -8.52
N PRO A 204 21.41 8.00 -8.79
CA PRO A 204 20.87 8.09 -10.15
C PRO A 204 20.40 9.51 -10.50
N LYS A 205 20.79 10.00 -11.67
CA LYS A 205 20.35 11.32 -12.13
C LYS A 205 18.98 11.18 -12.77
N TYR A 206 18.70 9.97 -13.27
CA TYR A 206 17.44 9.68 -13.91
C TYR A 206 16.78 8.39 -13.44
N LEU A 207 15.47 8.45 -13.26
CA LEU A 207 14.66 7.26 -13.10
C LEU A 207 13.77 7.15 -14.35
N ALA A 208 13.90 6.05 -15.08
CA ALA A 208 13.05 5.86 -16.25
C ALA A 208 12.23 4.58 -16.16
N HIS A 209 11.00 4.65 -16.62
CA HIS A 209 10.12 3.50 -16.62
C HIS A 209 9.44 3.38 -17.97
N VAL A 210 9.98 2.48 -18.79
CA VAL A 210 9.38 2.14 -20.06
C VAL A 210 8.05 1.46 -19.75
N ILE A 211 6.99 1.88 -20.41
CA ILE A 211 5.69 1.26 -20.18
C ILE A 211 5.54 -0.05 -20.95
N TYR A 212 5.58 -1.16 -20.22
CA TYR A 212 5.44 -2.49 -20.80
C TYR A 212 3.97 -2.94 -20.77
N LYS A 213 3.57 -3.69 -21.80
CA LYS A 213 2.18 -4.07 -21.97
C LYS A 213 1.73 -5.16 -21.00
N ASP A 214 2.67 -6.02 -20.60
CA ASP A 214 2.34 -7.20 -19.81
C ASP A 214 3.61 -7.77 -19.16
N ASN A 215 3.43 -8.70 -18.22
CA ASN A 215 4.58 -9.32 -17.55
C ASN A 215 5.64 -9.93 -18.49
N PRO A 216 5.24 -10.79 -19.44
CA PRO A 216 6.27 -11.39 -20.30
C PRO A 216 7.17 -10.36 -20.99
N SER A 217 6.60 -9.27 -21.50
CA SER A 217 7.44 -8.29 -22.19
C SER A 217 8.37 -7.52 -21.24
N ALA A 218 7.91 -7.23 -20.02
CA ALA A 218 8.79 -6.60 -19.03
C ALA A 218 9.93 -7.54 -18.63
N SER A 219 9.61 -8.82 -18.48
CA SER A 219 10.57 -9.85 -18.07
C SER A 219 11.66 -10.04 -19.11
N LEU A 220 11.26 -10.04 -20.38
CA LEU A 220 12.19 -10.12 -21.48
C LEU A 220 13.13 -8.93 -21.39
N ALA A 221 12.58 -7.75 -21.15
CA ALA A 221 13.40 -6.56 -21.00
C ALA A 221 14.38 -6.72 -19.84
N PHE A 222 13.95 -7.39 -18.78
CA PHE A 222 14.78 -7.58 -17.60
C PHE A 222 15.90 -8.57 -17.88
N GLU A 223 15.58 -9.61 -18.65
CA GLU A 223 16.57 -10.61 -19.00
C GLU A 223 17.67 -10.04 -19.91
N ARG A 224 17.32 -9.04 -20.72
N ARG A 224 17.34 -9.00 -20.67
CA ARG A 224 18.30 -8.48 -21.66
CA ARG A 224 18.32 -8.49 -21.63
C ARG A 224 19.15 -7.31 -21.12
C ARG A 224 19.15 -7.31 -21.11
N GLY A 225 18.88 -6.88 -19.88
CA GLY A 225 19.72 -5.87 -19.23
C GLY A 225 19.07 -4.51 -19.14
N ASP A 226 17.82 -4.44 -19.60
CA ASP A 226 17.18 -3.16 -19.81
C ASP A 226 16.42 -2.65 -18.61
N ILE A 227 16.42 -3.42 -17.52
CA ILE A 227 15.79 -2.97 -16.27
C ILE A 227 16.73 -3.22 -15.10
N ASP A 228 17.08 -2.17 -14.38
CA ASP A 228 17.98 -2.26 -13.23
C ASP A 228 17.24 -2.57 -11.93
N TRP A 229 16.02 -2.06 -11.81
CA TRP A 229 15.25 -2.04 -10.56
C TRP A 229 13.84 -2.48 -10.91
N ASN A 230 13.52 -3.74 -10.64
CA ASN A 230 12.28 -4.33 -11.12
C ASN A 230 11.32 -4.61 -9.96
N GLY A 231 10.03 -4.40 -10.19
CA GLY A 231 9.01 -4.74 -9.21
C GLY A 231 7.98 -5.68 -9.81
N LEU A 232 8.47 -6.78 -10.41
CA LEU A 232 7.64 -7.63 -11.26
C LEU A 232 7.32 -9.00 -10.68
N PHE A 233 6.12 -9.52 -10.95
CA PHE A 233 5.96 -10.98 -10.88
C PHE A 233 6.82 -11.58 -11.98
N ILE A 234 7.73 -12.49 -11.61
CA ILE A 234 8.51 -13.28 -12.57
C ILE A 234 8.41 -14.78 -12.26
N PRO A 235 7.99 -15.61 -13.22
CA PRO A 235 7.96 -17.05 -12.91
C PRO A 235 9.36 -17.64 -12.76
N SER A 236 9.54 -18.61 -11.87
CA SER A 236 10.84 -19.28 -11.66
C SER A 236 12.03 -18.32 -11.70
N VAL A 237 11.93 -17.24 -10.93
CA VAL A 237 12.90 -16.15 -10.95
C VAL A 237 14.34 -16.60 -10.72
N TRP A 238 14.50 -17.63 -9.88
CA TRP A 238 15.82 -18.15 -9.54
C TRP A 238 16.59 -18.63 -10.77
N GLU A 239 15.86 -19.04 -11.82
CA GLU A 239 16.50 -19.47 -13.06
C GLU A 239 17.32 -18.37 -13.70
N LEU A 240 16.88 -17.12 -13.59
CA LEU A 240 17.60 -15.99 -14.17
C LEU A 240 19.09 -15.98 -13.79
N TRP A 241 19.43 -16.29 -12.54
CA TRP A 241 20.83 -16.38 -12.13
C TRP A 241 21.39 -17.81 -11.99
N GLU A 242 20.50 -18.79 -11.73
CA GLU A 242 20.91 -20.18 -11.47
C GLU A 242 21.16 -20.99 -12.73
N LYS A 243 20.45 -20.61 -13.79
CA LYS A 243 20.47 -21.33 -15.06
C LYS A 243 21.03 -20.46 -16.18
N LYS A 244 20.55 -19.23 -16.26
CA LYS A 244 20.88 -18.32 -17.34
C LYS A 244 22.09 -17.44 -17.02
N GLY A 245 22.63 -17.60 -15.82
CA GLY A 245 23.79 -16.83 -15.39
C GLY A 245 23.74 -15.33 -15.60
N LEU A 246 22.55 -14.74 -15.47
CA LEU A 246 22.41 -13.30 -15.62
C LEU A 246 22.75 -12.60 -14.30
N PRO A 247 23.26 -11.35 -14.36
CA PRO A 247 23.70 -10.68 -13.13
C PRO A 247 22.50 -10.07 -12.39
N VAL A 248 21.60 -10.91 -11.89
CA VAL A 248 20.39 -10.42 -11.26
C VAL A 248 20.15 -11.07 -9.91
N GLY A 249 19.39 -10.38 -9.06
CA GLY A 249 19.10 -10.89 -7.73
C GLY A 249 17.75 -10.50 -7.17
N THR A 250 17.45 -11.08 -6.01
CA THR A 250 16.22 -10.82 -5.30
C THR A 250 16.62 -10.66 -3.85
N TRP A 251 15.65 -10.35 -3.00
CA TRP A 251 15.97 -10.22 -1.59
C TRP A 251 16.56 -11.53 -1.02
N TYR A 252 15.88 -12.65 -1.26
CA TYR A 252 16.37 -13.94 -0.81
C TYR A 252 16.92 -14.71 -2.00
N LYS A 253 17.96 -15.53 -1.79
CA LYS A 253 18.53 -16.34 -2.85
C LYS A 253 17.94 -17.74 -2.86
N LYS A 254 16.94 -17.95 -2.00
CA LYS A 254 16.21 -19.19 -2.02
C LYS A 254 14.76 -18.94 -1.65
N GLU A 255 13.99 -20.03 -1.55
N GLU A 255 14.01 -20.03 -1.59
CA GLU A 255 12.57 -19.98 -1.32
CA GLU A 255 12.59 -20.08 -1.22
C GLU A 255 12.12 -19.09 -0.18
C GLU A 255 12.14 -19.09 -0.15
N PRO A 256 11.15 -18.21 -0.51
CA PRO A 256 10.09 -17.26 -0.86
C PRO A 256 10.58 -16.24 -1.93
N TYR A 257 11.89 -16.05 -2.02
CA TYR A 257 12.54 -15.06 -2.89
C TYR A 257 12.16 -13.60 -2.61
N PHE A 258 10.95 -13.39 -2.11
CA PHE A 258 10.47 -12.05 -1.81
C PHE A 258 10.04 -11.93 -0.38
N ILE A 259 10.27 -10.76 0.20
CA ILE A 259 9.71 -10.45 1.51
C ILE A 259 8.24 -10.09 1.31
N PRO A 260 7.45 -10.08 2.39
CA PRO A 260 6.03 -9.79 2.17
C PRO A 260 5.70 -8.31 2.04
N ASP A 261 4.72 -8.01 1.19
CA ASP A 261 4.27 -6.64 1.01
C ASP A 261 3.04 -6.34 1.84
N GLY A 262 2.10 -7.28 1.87
CA GLY A 262 0.88 -7.08 2.63
C GLY A 262 -0.13 -8.18 2.39
N VAL A 263 -1.42 -7.83 2.40
CA VAL A 263 -2.47 -8.84 2.27
C VAL A 263 -3.29 -8.65 0.99
N GLY A 264 -3.25 -9.66 0.12
CA GLY A 264 -4.03 -9.66 -1.09
C GLY A 264 -5.39 -10.27 -0.81
N PHE A 265 -6.45 -9.59 -1.25
CA PHE A 265 -7.82 -9.98 -0.94
C PHE A 265 -8.56 -10.43 -2.21
N VAL A 266 -9.53 -11.32 -2.07
CA VAL A 266 -10.60 -11.37 -3.07
C VAL A 266 -11.65 -10.40 -2.57
N TYR A 267 -11.66 -9.18 -3.10
CA TYR A 267 -12.66 -8.22 -2.66
C TYR A 267 -13.99 -8.53 -3.29
N VAL A 268 -15.05 -8.47 -2.49
CA VAL A 268 -16.39 -8.76 -2.98
C VAL A 268 -17.27 -7.55 -2.74
N ASN A 269 -17.72 -6.92 -3.82
CA ASN A 269 -18.55 -5.72 -3.72
C ASN A 269 -19.83 -5.98 -2.92
N ASN A 270 -19.93 -5.35 -1.74
CA ASN A 270 -21.08 -5.59 -0.87
C ASN A 270 -22.39 -4.96 -1.41
N THR A 271 -22.28 -4.05 -2.38
CA THR A 271 -23.46 -3.31 -2.85
C THR A 271 -24.26 -4.03 -3.96
N LYS A 272 -23.70 -5.11 -4.51
CA LYS A 272 -24.35 -5.92 -5.53
C LYS A 272 -25.23 -7.01 -4.93
N PRO A 273 -26.36 -7.33 -5.59
CA PRO A 273 -27.25 -8.40 -5.12
C PRO A 273 -26.56 -9.75 -5.18
N GLY A 274 -26.87 -10.63 -4.24
CA GLY A 274 -26.15 -11.89 -4.13
C GLY A 274 -24.87 -11.69 -3.34
N LEU A 275 -23.98 -10.84 -3.85
CA LEU A 275 -22.70 -10.61 -3.21
C LEU A 275 -22.89 -9.86 -1.90
N SER A 276 -24.08 -9.30 -1.72
CA SER A 276 -24.46 -8.58 -0.51
C SER A 276 -24.75 -9.52 0.65
N ASP A 277 -24.81 -10.82 0.36
CA ASP A 277 -25.17 -11.82 1.37
C ASP A 277 -23.91 -12.43 2.00
N PRO A 278 -23.75 -12.26 3.33
CA PRO A 278 -22.57 -12.80 4.02
C PRO A 278 -22.38 -14.30 3.76
N ALA A 279 -23.48 -15.03 3.62
CA ALA A 279 -23.42 -16.46 3.34
C ALA A 279 -22.73 -16.72 2.01
N VAL A 280 -22.99 -15.86 1.03
CA VAL A 280 -22.40 -16.04 -0.29
C VAL A 280 -20.91 -15.74 -0.21
N ARG A 281 -20.56 -14.65 0.47
CA ARG A 281 -19.16 -14.28 0.65
C ARG A 281 -18.39 -15.34 1.44
N LYS A 282 -19.02 -15.93 2.46
CA LYS A 282 -18.39 -17.03 3.19
C LYS A 282 -18.17 -18.25 2.29
N ALA A 283 -19.12 -18.54 1.40
CA ALA A 283 -18.99 -19.68 0.52
C ALA A 283 -17.83 -19.45 -0.45
N ILE A 284 -17.63 -18.20 -0.83
CA ILE A 284 -16.50 -17.86 -1.70
C ILE A 284 -15.17 -18.14 -0.98
N ALA A 285 -15.09 -17.80 0.30
CA ALA A 285 -13.89 -18.07 1.07
C ALA A 285 -13.51 -19.57 1.06
N TYR A 286 -14.47 -20.47 1.17
CA TYR A 286 -14.14 -21.90 1.16
C TYR A 286 -13.88 -22.44 -0.24
N ALA A 287 -14.15 -21.64 -1.27
CA ALA A 287 -13.99 -22.13 -2.63
C ALA A 287 -12.67 -21.69 -3.27
N ILE A 288 -11.88 -20.90 -2.55
CA ILE A 288 -10.59 -20.51 -3.09
C ILE A 288 -9.55 -21.61 -2.92
N PRO A 289 -8.96 -22.07 -4.03
CA PRO A 289 -7.97 -23.14 -3.90
C PRO A 289 -6.66 -22.54 -3.43
N TYR A 290 -6.58 -22.18 -2.15
CA TYR A 290 -5.43 -21.43 -1.63
C TYR A 290 -4.09 -22.06 -1.97
N ASN A 291 -3.87 -23.29 -1.51
CA ASN A 291 -2.56 -23.89 -1.70
C ASN A 291 -2.20 -24.17 -3.15
N GLU A 292 -3.12 -24.71 -3.94
CA GLU A 292 -2.75 -25.06 -5.31
C GLU A 292 -2.43 -23.81 -6.11
N MET A 293 -3.22 -22.76 -5.91
CA MET A 293 -3.00 -21.54 -6.66
C MET A 293 -1.73 -20.84 -6.22
N LEU A 294 -1.40 -20.88 -4.93
CA LEU A 294 -0.19 -20.20 -4.46
C LEU A 294 1.05 -20.95 -4.94
N LYS A 295 0.97 -22.28 -4.92
CA LYS A 295 2.04 -23.11 -5.45
C LYS A 295 2.23 -22.97 -6.96
N LYS A 296 1.16 -23.17 -7.73
CA LYS A 296 1.27 -23.17 -9.19
C LYS A 296 1.32 -21.76 -9.79
N ALA A 297 0.33 -20.94 -9.49
CA ALA A 297 0.24 -19.59 -10.07
C ALA A 297 1.18 -18.57 -9.44
N TYR A 298 1.48 -18.74 -8.15
CA TYR A 298 2.24 -17.70 -7.43
C TYR A 298 3.63 -18.18 -7.11
N PHE A 299 3.92 -19.41 -7.52
CA PHE A 299 5.29 -19.92 -7.44
C PHE A 299 5.84 -19.97 -6.01
N GLY A 300 4.97 -20.09 -5.03
CA GLY A 300 5.37 -20.09 -3.64
C GLY A 300 5.97 -18.78 -3.15
N TYR A 301 5.74 -17.71 -3.92
CA TYR A 301 6.26 -16.39 -3.57
C TYR A 301 5.52 -15.78 -2.36
N GLY A 302 4.43 -16.42 -1.93
CA GLY A 302 3.67 -15.97 -0.78
C GLY A 302 2.70 -17.05 -0.37
N SER A 303 2.21 -16.99 0.85
CA SER A 303 1.38 -18.08 1.36
C SER A 303 -0.01 -17.57 1.76
N GLN A 304 -0.87 -18.49 2.18
CA GLN A 304 -2.27 -18.16 2.47
C GLN A 304 -2.39 -17.22 3.66
N ALA A 305 -3.22 -16.20 3.53
CA ALA A 305 -3.40 -15.21 4.59
C ALA A 305 -4.30 -15.77 5.70
N HIS A 306 -4.13 -15.27 6.92
CA HIS A 306 -5.01 -15.68 7.99
C HIS A 306 -6.30 -14.87 7.87
N PRO A 307 -7.46 -15.46 8.20
CA PRO A 307 -8.69 -14.70 7.94
C PRO A 307 -8.92 -13.53 8.90
N SER A 308 -8.07 -13.40 9.92
CA SER A 308 -8.19 -12.32 10.88
C SER A 308 -7.63 -11.04 10.28
N MET A 309 -6.94 -11.21 9.15
CA MET A 309 -6.29 -10.13 8.40
C MET A 309 -4.98 -9.74 9.06
N VAL A 310 -4.61 -10.45 10.12
CA VAL A 310 -3.32 -10.23 10.75
C VAL A 310 -2.24 -10.99 9.98
N ILE A 311 -1.15 -10.31 9.65
CA ILE A 311 -0.04 -10.94 8.95
C ILE A 311 0.79 -11.78 9.92
N ASP A 312 0.48 -13.08 10.00
CA ASP A 312 1.15 -13.93 10.99
C ASP A 312 2.53 -14.47 10.59
N LEU A 313 3.06 -13.99 9.46
CA LEU A 313 4.46 -14.25 9.10
C LEU A 313 5.41 -13.64 10.12
N PHE A 314 4.92 -12.68 10.89
CA PHE A 314 5.74 -11.98 11.86
C PHE A 314 5.26 -12.32 13.28
N GLU A 315 6.13 -12.94 14.06
CA GLU A 315 5.79 -13.34 15.43
C GLU A 315 5.11 -12.26 16.31
N PRO A 316 5.63 -11.01 16.32
CA PRO A 316 5.02 -9.96 17.13
C PRO A 316 3.55 -9.64 16.85
N TYR A 317 3.03 -10.00 15.69
CA TYR A 317 1.64 -9.73 15.40
C TYR A 317 0.69 -10.83 15.90
N LYS A 318 1.23 -12.01 16.22
CA LYS A 318 0.36 -13.15 16.53
C LYS A 318 -0.52 -12.99 17.78
N GLN A 319 -0.09 -12.13 18.71
CA GLN A 319 -0.83 -11.90 19.95
C GLN A 319 -2.17 -11.22 19.67
N TYR A 320 -2.27 -10.64 18.48
CA TYR A 320 -3.43 -9.88 18.07
C TYR A 320 -4.49 -10.75 17.39
N ILE A 321 -4.16 -12.02 17.21
CA ILE A 321 -5.08 -13.01 16.65
C ILE A 321 -5.70 -13.85 17.76
N ASP A 322 -7.03 -13.90 17.79
CA ASP A 322 -7.73 -14.82 18.67
C ASP A 322 -7.73 -16.17 17.97
N TYR A 323 -6.77 -17.02 18.33
CA TYR A 323 -6.64 -18.31 17.69
C TYR A 323 -7.74 -19.27 18.10
N GLU A 324 -8.20 -19.16 19.34
CA GLU A 324 -9.22 -20.10 19.78
C GLU A 324 -10.55 -19.86 19.06
N LEU A 325 -10.89 -18.60 18.79
CA LEU A 325 -12.05 -18.29 17.97
C LEU A 325 -11.88 -18.76 16.51
N ALA A 326 -10.71 -18.51 15.92
CA ALA A 326 -10.47 -18.88 14.53
C ALA A 326 -10.43 -20.39 14.32
N LYS A 327 -9.75 -21.10 15.22
CA LYS A 327 -9.68 -22.55 15.10
C LYS A 327 -11.07 -23.17 15.26
N LYS A 328 -11.81 -22.64 16.21
CA LYS A 328 -13.17 -23.07 16.50
C LYS A 328 -14.12 -22.78 15.34
N THR A 329 -13.83 -21.73 14.57
CA THR A 329 -14.72 -21.31 13.49
C THR A 329 -14.46 -22.08 12.20
N PHE A 330 -13.18 -22.34 11.93
CA PHE A 330 -12.81 -22.91 10.65
C PHE A 330 -12.27 -24.33 10.77
N GLY A 331 -12.11 -24.79 12.02
CA GLY A 331 -11.74 -26.17 12.28
C GLY A 331 -10.34 -26.60 11.87
N THR A 332 -9.48 -25.62 11.57
CA THR A 332 -8.12 -25.92 11.15
C THR A 332 -7.16 -25.65 12.28
N GLU A 333 -5.95 -26.19 12.20
CA GLU A 333 -5.01 -26.10 13.30
C GLU A 333 -4.60 -24.68 13.71
N ASP A 334 -4.54 -23.76 12.74
CA ASP A 334 -4.14 -22.39 13.05
C ASP A 334 -5.28 -21.41 12.78
N GLY A 335 -6.41 -21.95 12.32
CA GLY A 335 -7.58 -21.14 12.08
C GLY A 335 -7.71 -20.54 10.68
N ARG A 336 -6.81 -20.93 9.78
CA ARG A 336 -6.94 -20.56 8.36
C ARG A 336 -8.20 -21.18 7.77
N ILE A 337 -8.70 -20.60 6.68
CA ILE A 337 -9.87 -21.18 6.01
C ILE A 337 -9.46 -22.28 5.03
N PRO A 338 -10.01 -23.50 5.19
CA PRO A 338 -9.64 -24.57 4.25
C PRO A 338 -10.38 -24.44 2.93
N PHE A 339 -9.70 -24.79 1.84
CA PHE A 339 -10.35 -24.96 0.55
C PHE A 339 -11.21 -26.19 0.69
N ASP A 340 -12.52 -26.03 0.46
CA ASP A 340 -13.46 -27.10 0.76
C ASP A 340 -14.77 -26.84 0.04
N LEU A 341 -14.92 -27.45 -1.13
CA LEU A 341 -16.11 -27.20 -1.93
C LEU A 341 -17.37 -27.76 -1.28
N ASP A 342 -17.21 -28.84 -0.51
CA ASP A 342 -18.32 -29.42 0.25
C ASP A 342 -18.93 -28.38 1.20
N MET A 343 -18.09 -27.77 2.02
CA MET A 343 -18.53 -26.73 2.95
C MET A 343 -19.09 -25.53 2.19
N ALA A 344 -18.45 -25.18 1.08
CA ALA A 344 -18.91 -24.06 0.26
C ALA A 344 -20.35 -24.32 -0.22
N ASN A 345 -20.60 -25.54 -0.68
CA ASN A 345 -21.93 -25.94 -1.13
C ASN A 345 -22.90 -26.05 0.04
N LYS A 346 -22.41 -26.55 1.17
CA LYS A 346 -23.22 -26.65 2.37
C LYS A 346 -23.70 -25.27 2.83
N ILE A 347 -22.77 -24.31 2.95
CA ILE A 347 -23.14 -22.94 3.33
C ILE A 347 -24.24 -22.41 2.40
N LEU A 348 -24.02 -22.59 1.11
CA LEU A 348 -25.00 -22.17 0.10
C LEU A 348 -26.36 -22.86 0.26
N ASP A 349 -26.35 -24.15 0.60
CA ASP A 349 -27.60 -24.87 0.78
C ASP A 349 -28.36 -24.41 2.02
N GLU A 350 -27.64 -24.23 3.12
CA GLU A 350 -28.26 -23.91 4.39
C GLU A 350 -28.77 -22.46 4.41
N ALA A 351 -28.38 -21.69 3.39
CA ALA A 351 -28.93 -20.37 3.17
C ALA A 351 -30.02 -20.38 2.10
N GLY A 352 -30.35 -21.57 1.59
CA GLY A 352 -31.50 -21.71 0.70
C GLY A 352 -31.23 -21.35 -0.76
N TYR A 353 -29.96 -21.22 -1.11
CA TYR A 353 -29.60 -21.09 -2.52
C TYR A 353 -29.73 -22.46 -3.20
N LYS A 354 -30.35 -22.46 -4.38
CA LYS A 354 -30.68 -23.66 -5.12
C LYS A 354 -30.28 -23.47 -6.58
N LYS A 355 -29.55 -24.42 -7.14
CA LYS A 355 -29.18 -24.34 -8.55
C LYS A 355 -30.41 -24.42 -9.45
N GLY A 356 -30.53 -23.45 -10.35
CA GLY A 356 -31.50 -23.55 -11.43
C GLY A 356 -30.99 -24.53 -12.47
N PRO A 357 -31.73 -24.69 -13.58
CA PRO A 357 -31.41 -25.68 -14.62
C PRO A 357 -30.06 -25.41 -15.25
N ASP A 358 -29.64 -24.15 -15.23
CA ASP A 358 -28.38 -23.77 -15.84
C ASP A 358 -27.20 -23.92 -14.89
N GLY A 359 -27.46 -24.49 -13.71
CA GLY A 359 -26.42 -24.75 -12.74
C GLY A 359 -26.15 -23.61 -11.77
N VAL A 360 -26.74 -22.45 -12.03
CA VAL A 360 -26.48 -21.26 -11.23
C VAL A 360 -27.44 -21.08 -10.04
N ARG A 361 -26.88 -20.78 -8.87
CA ARG A 361 -27.66 -20.68 -7.64
C ARG A 361 -28.70 -19.56 -7.72
N VAL A 362 -29.90 -19.83 -7.20
CA VAL A 362 -30.88 -18.77 -6.91
C VAL A 362 -31.23 -18.81 -5.42
N GLY A 363 -31.28 -17.65 -4.77
CA GLY A 363 -31.59 -17.57 -3.36
C GLY A 363 -33.07 -17.65 -3.02
N PRO A 364 -33.40 -17.71 -1.72
CA PRO A 364 -34.80 -17.83 -1.27
C PRO A 364 -35.65 -16.61 -1.65
N ASP A 365 -35.00 -15.52 -2.07
CA ASP A 365 -35.70 -14.28 -2.42
C ASP A 365 -35.69 -14.07 -3.93
N GLY A 366 -35.21 -15.08 -4.64
CA GLY A 366 -35.16 -15.01 -6.09
C GLY A 366 -33.88 -14.42 -6.67
N THR A 367 -32.91 -14.08 -5.81
CA THR A 367 -31.63 -13.57 -6.34
C THR A 367 -30.79 -14.66 -7.01
N LYS A 368 -30.45 -14.45 -8.28
CA LYS A 368 -29.54 -15.33 -8.97
C LYS A 368 -28.09 -14.96 -8.67
N LEU A 369 -27.27 -15.95 -8.32
CA LEU A 369 -25.87 -15.67 -8.06
C LEU A 369 -25.08 -15.71 -9.37
N GLY A 370 -25.33 -14.73 -10.23
CA GLY A 370 -24.87 -14.79 -11.61
C GLY A 370 -25.12 -13.52 -12.38
N PRO A 371 -24.61 -13.48 -13.62
CA PRO A 371 -23.28 -13.07 -14.06
C PRO A 371 -22.51 -12.04 -13.24
N TYR A 372 -21.36 -12.51 -12.76
CA TYR A 372 -20.37 -11.69 -12.07
C TYR A 372 -19.06 -11.84 -12.82
N THR A 373 -18.23 -10.80 -12.76
CA THR A 373 -16.88 -10.92 -13.26
C THR A 373 -15.92 -10.88 -12.07
N ILE A 374 -14.75 -11.50 -12.22
CA ILE A 374 -13.63 -11.29 -11.31
C ILE A 374 -12.53 -10.65 -12.15
N SER A 375 -12.03 -9.50 -11.70
CA SER A 375 -11.17 -8.72 -12.57
C SER A 375 -9.87 -8.29 -11.90
N VAL A 376 -8.78 -8.36 -12.67
CA VAL A 376 -7.48 -7.80 -12.31
C VAL A 376 -6.89 -7.19 -13.58
N PRO A 377 -5.84 -6.33 -13.45
CA PRO A 377 -5.31 -5.71 -14.67
C PRO A 377 -4.73 -6.70 -15.67
N TYR A 378 -4.92 -6.35 -16.94
CA TYR A 378 -4.40 -7.13 -18.03
C TYR A 378 -2.88 -7.18 -17.93
N GLY A 379 -2.29 -8.33 -18.18
CA GLY A 379 -0.85 -8.45 -18.12
C GLY A 379 -0.30 -8.81 -16.76
N TRP A 380 -1.13 -8.73 -15.72
CA TRP A 380 -0.73 -9.20 -14.41
C TRP A 380 -0.96 -10.72 -14.37
N THR A 381 -0.02 -11.46 -14.96
CA THR A 381 -0.27 -12.86 -15.33
C THR A 381 -0.47 -13.80 -14.14
N ASP A 382 0.22 -13.55 -13.04
CA ASP A 382 0.02 -14.35 -11.84
C ASP A 382 -1.42 -14.22 -11.34
N TRP A 383 -1.87 -12.97 -11.17
CA TRP A 383 -3.23 -12.70 -10.70
C TRP A 383 -4.30 -13.19 -11.68
N MET A 384 -4.03 -13.05 -12.98
CA MET A 384 -4.96 -13.55 -13.99
C MET A 384 -5.19 -15.06 -13.82
N MET A 385 -4.11 -15.83 -13.68
CA MET A 385 -4.21 -17.29 -13.50
C MET A 385 -4.95 -17.63 -12.21
N MET A 386 -4.66 -16.88 -11.16
CA MET A 386 -5.37 -17.06 -9.89
C MET A 386 -6.85 -16.77 -10.05
N CYS A 387 -7.17 -15.72 -10.80
CA CYS A 387 -8.55 -15.41 -11.12
C CYS A 387 -9.24 -16.56 -11.85
N GLU A 388 -8.56 -17.14 -12.84
CA GLU A 388 -9.12 -18.25 -13.58
C GLU A 388 -9.39 -19.46 -12.67
N MET A 389 -8.47 -19.75 -11.75
CA MET A 389 -8.63 -20.91 -10.87
C MET A 389 -9.75 -20.67 -9.88
N ILE A 390 -9.89 -19.43 -9.44
CA ILE A 390 -10.96 -19.06 -8.53
C ILE A 390 -12.31 -19.13 -9.25
N ALA A 391 -12.39 -18.50 -10.43
CA ALA A 391 -13.63 -18.48 -11.20
C ALA A 391 -14.16 -19.88 -11.55
N LYS A 392 -13.27 -20.79 -11.93
CA LYS A 392 -13.70 -22.16 -12.20
C LYS A 392 -14.38 -22.77 -10.99
N ASN A 393 -13.75 -22.68 -9.81
CA ASN A 393 -14.33 -23.26 -8.61
C ASN A 393 -15.68 -22.65 -8.20
N LEU A 394 -15.79 -21.33 -8.36
CA LEU A 394 -17.03 -20.63 -8.05
C LEU A 394 -18.16 -21.09 -8.99
N ARG A 395 -17.88 -21.16 -10.28
CA ARG A 395 -18.82 -21.74 -11.22
C ARG A 395 -19.30 -23.13 -10.80
N SER A 396 -18.39 -24.00 -10.36
CA SER A 396 -18.82 -25.37 -10.02
C SER A 396 -19.73 -25.41 -8.81
N ILE A 397 -19.69 -24.36 -7.98
CA ILE A 397 -20.66 -24.33 -6.90
C ILE A 397 -21.93 -23.54 -7.28
N GLY A 398 -22.01 -23.09 -8.53
CA GLY A 398 -23.19 -22.39 -9.00
C GLY A 398 -23.19 -20.90 -8.76
N ILE A 399 -22.00 -20.31 -8.69
CA ILE A 399 -21.84 -18.87 -8.65
C ILE A 399 -21.17 -18.51 -9.98
N ASP A 400 -21.93 -17.87 -10.86
CA ASP A 400 -21.49 -17.70 -12.23
C ASP A 400 -20.52 -16.54 -12.38
N VAL A 401 -19.24 -16.87 -12.31
CA VAL A 401 -18.16 -15.92 -12.37
C VAL A 401 -17.26 -16.21 -13.57
N LYS A 402 -16.98 -15.19 -14.36
N LYS A 402 -16.95 -15.18 -14.34
CA LYS A 402 -16.04 -15.27 -15.49
CA LYS A 402 -16.01 -15.31 -15.44
C LYS A 402 -14.93 -14.24 -15.26
C LYS A 402 -14.96 -14.21 -15.31
N THR A 403 -13.75 -14.48 -15.80
CA THR A 403 -12.67 -13.52 -15.67
C THR A 403 -12.80 -12.37 -16.67
N GLU A 404 -12.32 -11.20 -16.27
CA GLU A 404 -12.20 -10.07 -17.17
C GLU A 404 -10.93 -9.29 -16.82
N PHE A 405 -10.12 -8.99 -17.81
CA PHE A 405 -8.84 -8.33 -17.57
C PHE A 405 -8.68 -7.05 -18.39
N PRO A 406 -9.19 -5.92 -17.88
CA PRO A 406 -9.05 -4.65 -18.61
C PRO A 406 -7.74 -3.93 -18.32
N ASP A 407 -7.45 -2.86 -19.07
CA ASP A 407 -6.27 -2.05 -18.79
C ASP A 407 -6.26 -1.64 -17.33
N PHE A 408 -5.07 -1.53 -16.75
CA PHE A 408 -4.93 -1.11 -15.37
C PHE A 408 -5.82 0.07 -14.97
N SER A 409 -5.82 1.12 -15.79
CA SER A 409 -6.54 2.35 -15.45
C SER A 409 -8.05 2.12 -15.39
N VAL A 410 -8.55 1.28 -16.29
CA VAL A 410 -9.95 0.87 -16.24
C VAL A 410 -10.19 0.06 -14.97
N TRP A 411 -9.30 -0.88 -14.67
CA TRP A 411 -9.46 -1.74 -13.50
C TRP A 411 -9.49 -0.88 -12.23
N ALA A 412 -8.48 -0.03 -12.09
CA ALA A 412 -8.40 0.94 -10.99
C ALA A 412 -9.66 1.79 -10.88
N ASP A 413 -10.16 2.27 -12.02
CA ASP A 413 -11.40 3.06 -12.02
C ASP A 413 -12.57 2.30 -11.39
N ARG A 414 -12.80 1.07 -11.82
CA ARG A 414 -13.92 0.29 -11.29
C ARG A 414 -13.71 -0.13 -9.84
N MET A 415 -12.46 -0.40 -9.47
CA MET A 415 -12.15 -0.75 -8.09
C MET A 415 -12.47 0.45 -7.20
N THR A 416 -11.87 1.58 -7.51
CA THR A 416 -11.99 2.76 -6.66
C THR A 416 -13.42 3.30 -6.57
N LYS A 417 -14.17 3.16 -7.66
CA LYS A 417 -15.55 3.66 -7.70
C LYS A 417 -16.56 2.60 -7.25
N GLY A 418 -16.07 1.40 -6.94
CA GLY A 418 -16.90 0.36 -6.35
C GLY A 418 -17.98 -0.17 -7.27
N THR A 419 -17.64 -0.32 -8.55
CA THR A 419 -18.55 -0.84 -9.56
C THR A 419 -18.18 -2.27 -10.02
N PHE A 420 -17.16 -2.85 -9.41
CA PHE A 420 -16.74 -4.22 -9.70
C PHE A 420 -17.67 -5.26 -9.06
N ASP A 421 -17.55 -6.51 -9.47
CA ASP A 421 -18.19 -7.58 -8.72
C ASP A 421 -17.13 -8.16 -7.79
N LEU A 422 -16.23 -8.96 -8.36
CA LEU A 422 -15.09 -9.47 -7.60
C LEU A 422 -13.79 -8.97 -8.21
N ILE A 423 -12.79 -8.76 -7.36
CA ILE A 423 -11.45 -8.45 -7.82
C ILE A 423 -10.47 -9.13 -6.88
N ILE A 424 -9.22 -9.24 -7.31
CA ILE A 424 -8.14 -9.40 -6.37
C ILE A 424 -7.47 -8.04 -6.27
N SER A 425 -7.26 -7.53 -5.07
CA SER A 425 -6.43 -6.34 -4.93
C SER A 425 -5.64 -6.34 -3.62
N TRP A 426 -4.91 -5.26 -3.37
CA TRP A 426 -4.06 -5.22 -2.21
C TRP A 426 -4.81 -4.62 -1.03
N SER A 427 -4.10 -4.37 0.07
CA SER A 427 -4.69 -3.63 1.18
C SER A 427 -3.58 -2.85 1.86
N VAL A 428 -3.08 -3.37 2.98
CA VAL A 428 -1.91 -2.76 3.62
C VAL A 428 -1.01 -3.84 4.15
N GLY A 429 0.13 -3.45 4.72
CA GLY A 429 1.09 -4.43 5.16
C GLY A 429 1.53 -4.27 6.59
N PRO A 430 2.72 -4.82 6.91
CA PRO A 430 3.29 -4.70 8.25
C PRO A 430 3.57 -3.23 8.54
N SER A 431 3.31 -2.82 9.77
CA SER A 431 3.49 -1.44 10.15
C SER A 431 3.48 -1.37 11.66
N PHE A 432 3.81 -0.21 12.21
CA PHE A 432 3.88 -0.09 13.68
C PHE A 432 2.51 -0.26 14.27
N ASP A 433 1.48 0.04 13.49
CA ASP A 433 0.13 -0.01 14.00
C ASP A 433 -0.63 -1.22 13.49
N HIS A 434 0.07 -2.16 12.86
CA HIS A 434 -0.60 -3.35 12.35
C HIS A 434 -1.14 -4.31 13.38
N PRO A 435 -2.47 -4.36 13.45
CA PRO A 435 -3.52 -5.01 12.66
C PRO A 435 -4.49 -3.83 12.47
N PHE A 436 -4.31 -2.78 13.27
CA PHE A 436 -5.20 -1.63 13.20
C PHE A 436 -5.26 -1.08 11.79
N ASN A 437 -4.10 -0.96 11.15
CA ASN A 437 -4.04 -0.38 9.81
C ASN A 437 -4.96 -1.10 8.81
N ILE A 438 -4.95 -2.43 8.83
CA ILE A 438 -5.75 -3.20 7.88
C ILE A 438 -7.24 -3.18 8.18
N TYR A 439 -7.62 -3.16 9.46
CA TYR A 439 -9.03 -3.02 9.82
C TYR A 439 -9.53 -1.64 9.37
N ARG A 440 -8.69 -0.63 9.58
CA ARG A 440 -9.00 0.74 9.18
C ARG A 440 -9.17 0.84 7.65
N PHE A 441 -8.22 0.25 6.91
CA PHE A 441 -8.25 0.29 5.46
C PHE A 441 -9.38 -0.54 4.81
N VAL A 442 -9.62 -1.75 5.31
CA VAL A 442 -10.54 -2.67 4.63
C VAL A 442 -12.00 -2.55 5.11
N LEU A 443 -12.20 -2.27 6.39
CA LEU A 443 -13.52 -2.40 7.01
C LEU A 443 -14.24 -1.10 7.37
N ASP A 444 -13.54 0.03 7.31
CA ASP A 444 -14.06 1.28 7.83
C ASP A 444 -14.87 2.07 6.79
N LYS A 445 -16.19 2.09 6.95
CA LYS A 445 -17.07 2.84 6.05
C LYS A 445 -16.67 4.30 5.83
N ARG A 446 -16.05 4.92 6.84
CA ARG A 446 -15.68 6.34 6.76
C ARG A 446 -14.59 6.66 5.75
N LEU A 447 -13.87 5.63 5.28
CA LEU A 447 -12.88 5.86 4.25
C LEU A 447 -13.41 5.50 2.88
N SER A 448 -14.62 4.97 2.82
CA SER A 448 -15.18 4.63 1.53
C SER A 448 -15.85 5.85 0.92
N LYS A 449 -16.47 5.67 -0.24
CA LYS A 449 -17.21 6.72 -0.91
C LYS A 449 -18.38 6.02 -1.58
N PRO A 450 -19.45 6.77 -1.90
CA PRO A 450 -20.58 6.19 -2.63
C PRO A 450 -20.13 5.52 -3.92
N VAL A 451 -20.90 4.56 -4.41
CA VAL A 451 -20.63 3.93 -5.69
C VAL A 451 -20.55 5.02 -6.77
N GLY A 452 -19.52 4.97 -7.61
CA GLY A 452 -19.33 5.98 -8.64
C GLY A 452 -18.32 7.06 -8.32
N GLU A 453 -17.92 7.17 -7.05
CA GLU A 453 -16.92 8.13 -6.60
C GLU A 453 -15.64 7.43 -6.22
N VAL A 454 -14.49 8.04 -6.50
CA VAL A 454 -13.20 7.41 -6.24
C VAL A 454 -12.79 7.41 -4.77
N THR A 455 -12.35 6.24 -4.29
CA THR A 455 -11.56 6.15 -3.07
C THR A 455 -10.29 5.37 -3.28
N TRP A 456 -9.17 5.95 -2.88
CA TRP A 456 -7.94 5.17 -2.75
C TRP A 456 -7.67 4.85 -1.29
N ALA A 457 -8.52 5.37 -0.42
CA ALA A 457 -8.23 5.38 1.01
C ALA A 457 -8.67 4.14 1.77
N GLY A 458 -9.67 3.42 1.26
CA GLY A 458 -10.11 2.20 1.90
C GLY A 458 -11.49 1.71 1.52
N ASP A 459 -11.77 0.46 1.90
CA ASP A 459 -13.12 -0.11 1.82
C ASP A 459 -13.71 -0.03 0.42
N TRP A 460 -12.95 -0.50 -0.56
CA TRP A 460 -13.42 -0.52 -1.94
C TRP A 460 -14.70 -1.34 -2.07
N GLU A 461 -14.90 -2.28 -1.14
CA GLU A 461 -16.04 -3.19 -1.23
C GLU A 461 -17.31 -2.56 -0.67
N ARG A 462 -17.17 -1.32 -0.19
CA ARG A 462 -18.28 -0.58 0.40
C ARG A 462 -18.97 -1.41 1.49
N TYR A 463 -18.16 -1.95 2.40
CA TYR A 463 -18.69 -2.65 3.56
C TYR A 463 -19.20 -1.56 4.50
N ASP A 464 -20.32 -1.83 5.16
CA ASP A 464 -21.01 -0.82 5.93
C ASP A 464 -21.35 -1.42 7.29
N ASN A 465 -20.63 -1.00 8.32
CA ASN A 465 -20.84 -1.53 9.66
C ASN A 465 -20.45 -0.53 10.73
N ASP A 466 -21.44 -0.06 11.48
CA ASP A 466 -21.21 0.95 12.49
C ASP A 466 -20.47 0.42 13.71
N GLU A 467 -20.55 -0.89 13.96
CA GLU A 467 -19.89 -1.46 15.14
C GLU A 467 -18.38 -1.44 14.96
N VAL A 468 -17.93 -1.74 13.74
CA VAL A 468 -16.50 -1.71 13.46
C VAL A 468 -16.00 -0.29 13.71
N VAL A 469 -16.77 0.70 13.27
CA VAL A 469 -16.40 2.11 13.47
C VAL A 469 -16.20 2.36 14.96
N GLU A 470 -17.18 1.96 15.75
CA GLU A 470 -17.12 2.13 17.20
C GLU A 470 -15.93 1.41 17.85
N LEU A 471 -15.57 0.22 17.35
CA LEU A 471 -14.42 -0.51 17.87
C LEU A 471 -13.09 0.12 17.48
N LEU A 472 -13.01 0.63 16.26
CA LEU A 472 -11.82 1.38 15.86
C LEU A 472 -11.68 2.65 16.70
N ASP A 473 -12.81 3.30 17.00
CA ASP A 473 -12.82 4.53 17.79
C ASP A 473 -12.39 4.31 19.25
N LYS A 474 -12.39 3.04 19.66
CA LYS A 474 -12.10 2.65 21.03
C LYS A 474 -10.76 1.92 21.17
N ALA A 475 -10.33 1.29 20.08
CA ALA A 475 -9.25 0.31 20.15
C ALA A 475 -7.94 0.85 20.73
N VAL A 476 -7.63 2.11 20.45
CA VAL A 476 -6.41 2.71 20.96
C VAL A 476 -6.71 4.02 21.69
N SER A 477 -7.77 4.03 22.49
CA SER A 477 -8.05 5.19 23.34
C SER A 477 -7.05 5.22 24.48
N THR A 478 -6.44 4.09 24.76
CA THR A 478 -5.29 4.04 25.65
C THR A 478 -4.23 3.11 25.05
N LEU A 479 -3.02 3.23 25.55
CA LEU A 479 -1.90 2.47 24.98
C LEU A 479 -1.73 1.07 25.57
N ASP A 480 -2.65 0.66 26.44
CA ASP A 480 -2.63 -0.69 27.00
C ASP A 480 -2.85 -1.73 25.90
N PRO A 481 -1.81 -2.55 25.61
CA PRO A 481 -1.91 -3.60 24.59
C PRO A 481 -3.19 -4.40 24.68
N GLU A 482 -3.66 -4.62 25.91
CA GLU A 482 -4.84 -5.45 26.12
C GLU A 482 -6.12 -4.86 25.53
N VAL A 483 -6.19 -3.53 25.50
CA VAL A 483 -7.35 -2.81 24.95
C VAL A 483 -7.46 -2.93 23.43
N ARG A 484 -6.33 -2.72 22.74
CA ARG A 484 -6.20 -3.01 21.31
C ARG A 484 -6.68 -4.43 21.02
N LYS A 485 -6.07 -5.37 21.75
CA LYS A 485 -6.30 -6.81 21.63
C LYS A 485 -7.77 -7.17 21.58
N GLN A 486 -8.50 -6.72 22.60
CA GLN A 486 -9.92 -7.03 22.71
C GLN A 486 -10.74 -6.45 21.56
N ALA A 487 -10.39 -5.23 21.13
CA ALA A 487 -11.06 -4.64 19.97
C ALA A 487 -10.75 -5.43 18.70
N TYR A 488 -9.48 -5.81 18.52
CA TYR A 488 -9.10 -6.68 17.42
C TYR A 488 -9.88 -8.00 17.42
N PHE A 489 -9.92 -8.68 18.56
CA PHE A 489 -10.65 -9.95 18.67
C PHE A 489 -12.13 -9.78 18.32
N ARG A 490 -12.75 -8.67 18.71
CA ARG A 490 -14.17 -8.49 18.40
C ARG A 490 -14.38 -8.21 16.91
N ILE A 491 -13.54 -7.36 16.33
CA ILE A 491 -13.52 -7.16 14.89
C ILE A 491 -13.38 -8.52 14.18
N GLN A 492 -12.55 -9.41 14.72
CA GLN A 492 -12.39 -10.75 14.15
C GLN A 492 -13.69 -11.55 14.15
N GLN A 493 -14.48 -11.47 15.22
CA GLN A 493 -15.78 -12.14 15.25
C GLN A 493 -16.66 -11.60 14.12
N ILE A 494 -16.65 -10.28 13.95
CA ILE A 494 -17.45 -9.61 12.93
C ILE A 494 -17.03 -10.01 11.52
N ILE A 495 -15.72 -10.10 11.30
CA ILE A 495 -15.16 -10.56 10.03
C ILE A 495 -15.59 -11.97 9.69
N TYR A 496 -15.52 -12.87 10.66
CA TYR A 496 -15.93 -14.26 10.38
C TYR A 496 -17.44 -14.34 10.14
N ARG A 497 -18.22 -13.46 10.77
CA ARG A 497 -19.67 -13.49 10.58
C ARG A 497 -20.12 -12.83 9.27
N ASP A 498 -19.46 -11.72 8.89
CA ASP A 498 -19.86 -10.96 7.71
C ASP A 498 -19.06 -11.25 6.45
N MET A 499 -17.84 -11.78 6.62
CA MET A 499 -16.90 -11.97 5.51
C MET A 499 -16.91 -10.81 4.50
N PRO A 500 -16.59 -9.58 4.99
CA PRO A 500 -16.70 -8.34 4.21
C PRO A 500 -15.95 -8.43 2.90
N SER A 501 -14.74 -8.98 2.96
CA SER A 501 -14.05 -9.51 1.80
C SER A 501 -13.09 -10.59 2.28
N ILE A 502 -12.49 -11.36 1.37
CA ILE A 502 -11.73 -12.54 1.78
C ILE A 502 -10.21 -12.27 1.79
N PRO A 503 -9.58 -12.34 2.98
CA PRO A 503 -8.12 -12.25 3.03
C PRO A 503 -7.57 -13.55 2.44
N ALA A 504 -6.83 -13.49 1.33
CA ALA A 504 -6.49 -14.71 0.59
C ALA A 504 -5.01 -15.13 0.64
N PHE A 505 -4.11 -14.20 0.40
CA PHE A 505 -2.68 -14.51 0.42
C PHE A 505 -1.85 -13.30 0.84
N TYR A 506 -0.63 -13.55 1.31
CA TYR A 506 0.29 -12.47 1.60
C TYR A 506 0.99 -12.09 0.29
N THR A 507 0.81 -10.85 -0.14
CA THR A 507 1.40 -10.43 -1.42
C THR A 507 2.92 -10.32 -1.30
N ALA A 508 3.61 -10.56 -2.41
CA ALA A 508 5.05 -10.46 -2.41
C ALA A 508 5.47 -9.02 -2.63
N HIS A 509 6.54 -8.63 -1.97
CA HIS A 509 7.13 -7.32 -2.18
C HIS A 509 8.02 -7.47 -3.41
N TRP A 510 7.41 -7.45 -4.61
CA TRP A 510 8.16 -7.71 -5.84
C TRP A 510 9.38 -6.82 -5.94
N TYR A 511 10.53 -7.44 -6.11
CA TYR A 511 11.81 -6.73 -6.05
C TYR A 511 12.89 -7.58 -6.70
N GLU A 512 13.44 -7.12 -7.80
CA GLU A 512 14.55 -7.79 -8.45
C GLU A 512 15.51 -6.72 -8.92
N TYR A 513 16.80 -7.06 -8.98
CA TYR A 513 17.75 -6.06 -9.42
C TYR A 513 18.77 -6.63 -10.38
N SER A 514 19.33 -5.75 -11.19
CA SER A 514 20.44 -6.07 -12.06
C SER A 514 21.66 -5.31 -11.51
N THR A 515 22.82 -5.97 -11.55
CA THR A 515 24.07 -5.35 -11.09
C THR A 515 24.92 -4.87 -12.26
N LYS A 516 24.32 -4.84 -13.45
CA LYS A 516 25.03 -4.43 -14.67
C LYS A 516 25.59 -3.02 -14.57
N TYR A 517 24.76 -2.07 -14.12
CA TYR A 517 25.16 -0.65 -13.97
C TYR A 517 25.13 -0.13 -12.53
N TRP A 518 24.40 -0.82 -11.66
CA TRP A 518 24.15 -0.36 -10.29
C TRP A 518 24.38 -1.46 -9.27
N ILE A 519 25.05 -1.12 -8.18
CA ILE A 519 25.33 -2.10 -7.13
C ILE A 519 24.90 -1.66 -5.74
N ASN A 520 25.17 -2.53 -4.77
CA ASN A 520 24.81 -2.31 -3.37
C ASN A 520 23.32 -2.27 -3.14
N TRP A 521 22.61 -3.09 -3.90
CA TRP A 521 21.18 -3.20 -3.74
C TRP A 521 20.87 -3.77 -2.38
N PRO A 522 19.76 -3.33 -1.78
CA PRO A 522 19.31 -3.97 -0.54
C PRO A 522 18.91 -5.44 -0.80
N SER A 523 19.32 -6.33 0.09
CA SER A 523 18.97 -7.75 0.04
C SER A 523 19.17 -8.32 1.43
N GLU A 524 18.89 -9.61 1.61
CA GLU A 524 19.16 -10.25 2.91
C GLU A 524 20.65 -10.15 3.29
N ASP A 525 21.54 -10.27 2.31
CA ASP A 525 22.97 -10.04 2.53
C ASP A 525 23.25 -8.59 2.92
N ASN A 526 22.53 -7.66 2.29
CA ASN A 526 22.75 -6.23 2.48
C ASN A 526 21.47 -5.52 2.94
N PRO A 527 21.00 -5.82 4.16
CA PRO A 527 19.65 -5.43 4.61
C PRO A 527 19.47 -3.97 5.03
N ALA A 528 19.96 -3.04 4.20
CA ALA A 528 19.99 -1.61 4.53
C ALA A 528 18.61 -0.90 4.50
N TRP A 529 17.70 -1.36 3.63
CA TRP A 529 16.33 -0.84 3.60
C TRP A 529 15.36 -1.98 3.35
N PHE A 530 14.25 -2.01 4.08
CA PHE A 530 13.32 -3.16 4.05
C PHE A 530 12.13 -2.97 3.12
N ARG A 531 12.00 -1.80 2.49
CA ARG A 531 10.97 -1.58 1.47
C ARG A 531 11.59 -1.11 0.14
N PRO A 532 12.41 -1.98 -0.51
CA PRO A 532 13.16 -1.56 -1.70
C PRO A 532 12.41 -1.71 -3.04
N SER A 533 11.17 -2.20 -3.04
CA SER A 533 10.44 -2.38 -4.30
C SER A 533 10.11 -1.05 -4.95
N PRO A 534 10.35 -0.93 -6.27
CA PRO A 534 10.28 0.39 -6.91
C PRO A 534 8.90 1.05 -6.85
N TRP A 535 7.85 0.27 -6.63
CA TRP A 535 6.50 0.82 -6.51
C TRP A 535 6.03 1.08 -5.08
N HIS A 536 6.81 0.64 -4.09
CA HIS A 536 6.35 0.80 -2.71
C HIS A 536 6.28 2.26 -2.29
N ALA A 537 5.31 2.60 -1.44
CA ALA A 537 5.13 3.97 -0.95
C ALA A 537 6.42 4.50 -0.35
N ASP A 538 7.22 3.59 0.22
CA ASP A 538 8.39 3.95 1.00
C ASP A 538 9.72 3.50 0.38
N ALA A 539 9.78 3.48 -0.94
CA ALA A 539 10.95 3.02 -1.70
C ALA A 539 12.16 3.96 -1.68
N TRP A 540 11.94 5.24 -1.42
CA TRP A 540 12.94 6.25 -1.75
C TRP A 540 14.38 6.06 -1.22
N PRO A 541 14.56 5.63 0.05
CA PRO A 541 15.92 5.42 0.56
C PRO A 541 16.79 4.48 -0.28
N THR A 542 16.16 3.53 -0.98
CA THR A 542 16.85 2.62 -1.90
C THR A 542 17.80 3.37 -2.83
N LEU A 543 17.37 4.56 -3.27
CA LEU A 543 18.11 5.33 -4.26
C LEU A 543 19.37 6.00 -3.69
N PHE A 544 19.46 6.02 -2.36
CA PHE A 544 20.62 6.61 -1.68
C PHE A 544 21.65 5.53 -1.31
N ILE A 545 21.23 4.27 -1.39
CA ILE A 545 22.04 3.14 -0.96
C ILE A 545 22.82 2.53 -2.13
N ILE A 546 22.18 2.44 -3.30
CA ILE A 546 22.86 1.90 -4.48
C ILE A 546 23.96 2.84 -4.97
N SER A 547 24.95 2.28 -5.66
CA SER A 547 26.04 3.07 -6.23
C SER A 547 26.21 2.67 -7.67
N LYS A 548 26.80 3.58 -8.45
CA LYS A 548 27.20 3.25 -9.80
C LYS A 548 28.23 2.12 -9.71
N LYS A 549 28.19 1.20 -10.65
CA LYS A 549 29.15 0.11 -10.61
C LYS A 549 30.57 0.64 -10.82
N SER A 550 30.70 1.68 -11.63
CA SER A 550 31.99 2.27 -11.91
C SER A 550 32.50 3.19 -10.79
N ASP A 551 31.82 3.22 -9.65
CA ASP A 551 32.17 4.14 -8.55
C ASP A 551 31.53 3.77 -7.20
N PRO A 552 31.91 2.61 -6.62
CA PRO A 552 31.29 2.14 -5.37
C PRO A 552 31.28 3.22 -4.31
N GLN A 553 30.16 3.43 -3.64
CA GLN A 553 30.09 4.37 -2.52
C GLN A 553 29.55 3.66 -1.31
N PRO A 554 30.04 4.00 -0.11
CA PRO A 554 29.48 3.39 1.10
C PRO A 554 28.01 3.74 1.33
N VAL A 555 27.33 2.87 2.08
CA VAL A 555 25.98 3.10 2.59
C VAL A 555 25.93 4.43 3.36
N PRO A 556 24.86 5.23 3.15
CA PRO A 556 24.65 6.49 3.89
C PRO A 556 24.76 6.32 5.39
N SER A 557 25.36 7.30 6.06
CA SER A 557 25.62 7.19 7.49
C SER A 557 24.39 7.50 8.33
N TRP A 558 23.39 8.14 7.71
CA TRP A 558 22.17 8.52 8.42
C TRP A 558 21.24 7.33 8.70
N LEU A 559 21.42 6.24 7.96
CA LEU A 559 20.68 5.01 8.19
C LEU A 559 21.14 4.29 9.44
N GLY A 560 20.19 3.82 10.24
CA GLY A 560 20.48 3.18 11.51
C GLY A 560 19.85 4.05 12.56
N THR A 561 19.56 3.50 13.74
CA THR A 561 19.01 4.33 14.80
C THR A 561 20.07 5.26 15.36
N VAL A 562 19.60 6.19 16.18
CA VAL A 562 20.44 7.19 16.83
C VAL A 562 21.57 6.53 17.61
N ASP A 563 21.24 5.45 18.32
CA ASP A 563 22.21 4.71 19.12
C ASP A 563 23.23 3.95 18.28
N GLU A 564 22.93 3.74 17.01
CA GLU A 564 23.87 3.08 16.09
C GLU A 564 24.66 4.13 15.33
N GLY A 565 24.41 5.40 15.63
CA GLY A 565 25.07 6.49 14.94
C GLY A 565 24.35 6.94 13.68
N GLY A 566 23.06 6.62 13.60
CA GLY A 566 22.22 7.06 12.50
C GLY A 566 21.32 8.16 13.00
N ILE A 567 20.28 8.51 12.24
CA ILE A 567 19.41 9.61 12.67
C ILE A 567 18.00 9.15 12.99
N GLU A 568 17.76 7.86 12.88
CA GLU A 568 16.41 7.33 13.03
C GLU A 568 16.00 7.13 14.48
N ILE A 569 14.75 7.45 14.75
CA ILE A 569 14.20 7.35 16.08
C ILE A 569 13.32 6.11 16.18
N PRO A 570 13.63 5.22 17.14
CA PRO A 570 12.80 4.04 17.42
C PRO A 570 11.36 4.43 17.74
N THR A 571 10.42 3.59 17.32
CA THR A 571 9.01 3.75 17.66
C THR A 571 8.86 3.74 19.18
N ALA A 572 9.70 2.93 19.82
CA ALA A 572 9.66 2.74 21.27
C ALA A 572 10.06 4.03 21.99
N LYS A 573 10.94 4.79 21.37
CA LYS A 573 11.34 6.09 21.88
C LYS A 573 10.21 7.10 21.79
N ILE A 574 9.40 7.01 20.73
CA ILE A 574 8.24 7.90 20.58
C ILE A 574 7.13 7.59 21.60
N PHE A 575 6.87 6.31 21.85
CA PHE A 575 5.89 5.93 22.87
C PHE A 575 6.37 6.23 24.28
N GLU A 576 7.68 6.06 24.52
CA GLU A 576 8.27 6.49 25.78
C GLU A 576 8.03 7.98 25.98
N ASP A 577 8.17 8.76 24.91
CA ASP A 577 7.96 10.20 25.04
C ASP A 577 6.48 10.50 25.25
N LEU A 578 5.62 9.84 24.48
CA LEU A 578 4.18 9.98 24.66
C LEU A 578 3.79 9.67 26.12
N GLN A 579 4.17 8.48 26.61
CA GLN A 579 3.95 8.10 28.01
C GLN A 579 4.43 9.18 29.00
N LYS A 580 5.64 9.65 28.78
CA LYS A 580 6.29 10.60 29.67
C LYS A 580 5.56 11.94 29.69
N ALA A 581 4.78 12.22 28.64
CA ALA A 581 3.99 13.45 28.62
C ALA A 581 2.59 13.25 29.18
N THR A 582 2.38 12.18 29.95
CA THR A 582 1.08 11.94 30.58
C THR A 582 1.12 12.10 32.10
C2 BGC B . 2.29 -2.76 -8.37
C3 BGC B . 1.94 -4.26 -8.29
C4 BGC B . 1.75 -4.70 -6.83
C5 BGC B . 0.75 -3.80 -6.13
C6 BGC B . 0.51 -4.05 -4.61
C1 BGC B . 1.04 -2.18 -7.75
O1 BGC B . 0.74 -0.86 -8.00
O2 BGC B . 2.54 -2.27 -9.71
O3 BGC B . 2.97 -4.99 -8.97
O4 BGC B . 1.36 -6.09 -6.74
O5 BGC B . 1.16 -2.44 -6.37
O6 BGC B . 0.04 -5.37 -4.50
C2 BGC B . 3.70 -6.44 -10.75
C3 BGC B . 3.16 -7.44 -11.78
C4 BGC B . 2.27 -8.51 -11.11
C5 BGC B . 1.21 -7.85 -10.19
C6 BGC B . 0.42 -8.81 -9.30
C1 BGC B . 2.53 -5.90 -9.93
O2 BGC B . 4.37 -5.38 -11.39
O3 BGC B . 4.24 -8.09 -12.42
O4 BGC B . 1.64 -9.40 -12.05
O5 BGC B . 1.86 -6.95 -9.28
O6 BGC B . 1.40 -9.61 -8.62
CA CA C . 5.44 10.27 -0.43
#